data_2DUL
#
_entry.id   2DUL
#
_cell.length_a   74.909
_cell.length_b   109.662
_cell.length_c   96.676
_cell.angle_alpha   90.00
_cell.angle_beta   90.00
_cell.angle_gamma   90.00
#
_symmetry.space_group_name_H-M   'C 2 2 21'
#
loop_
_entity.id
_entity.type
_entity.pdbx_description
1 polymer 'N(2),N(2)-dimethylguanosine tRNA methyltransferase'
2 non-polymer GLYCEROL
3 water water
#
_entity_poly.entity_id   1
_entity_poly.type   'polypeptide(L)'
_entity_poly.pdbx_seq_one_letter_code
;MELIEVQEGKAKILIPKAESIYDSPVFYNPRMALNRDIVVVLLNILNPKIVLDALSATGIRGIRFALETPAEEVWLNDIS
EDAYELMKRNVMLNFDGELRESKGRAILKGEKTIVINHDDANRLMAERHRYFHFIDLDPFGSPMEFLDTALRSAKRRGIL
GVTATDGAPLCGAHPRACLRKYLAVPLRGELCHEVGTRILVGVIARYAAKYDLGIDVILAYYKDHYFRAFVKLKDGARKG
DETLEKLGYIYFDDKTGKFELEQGFLPTRPNAYGPVWLGPLKDEKIVSKMVKEAESLSLARKKQALKLLKMIDQELDIPL
FYDTHAIGRRLKIETKKVEEIISALREQGYEATRTHFSPTGIKTSAPYEVFIETIKRI
;
_entity_poly.pdbx_strand_id   A
#
loop_
_chem_comp.id
_chem_comp.type
_chem_comp.name
_chem_comp.formula
GOL non-polymer GLYCEROL 'C3 H8 O3'
#
# COMPACT_ATOMS: atom_id res chain seq x y z
N LEU A 3 -27.10 0.24 16.70
CA LEU A 3 -25.83 1.01 16.70
C LEU A 3 -25.00 0.65 17.93
N ILE A 4 -23.89 -0.05 17.71
CA ILE A 4 -23.02 -0.48 18.79
C ILE A 4 -21.79 0.43 18.89
N GLU A 5 -21.23 0.56 20.09
CA GLU A 5 -20.05 1.39 20.30
C GLU A 5 -18.79 0.54 20.40
N VAL A 6 -17.78 0.92 19.61
CA VAL A 6 -16.51 0.20 19.60
C VAL A 6 -15.34 1.19 19.65
N GLN A 7 -14.19 0.70 20.04
CA GLN A 7 -13.01 1.55 20.12
C GLN A 7 -11.83 0.98 19.34
N GLU A 8 -11.12 1.85 18.65
CA GLU A 8 -9.95 1.46 17.87
C GLU A 8 -8.92 2.56 18.06
N GLY A 9 -7.80 2.21 18.69
CA GLY A 9 -6.77 3.20 18.94
C GLY A 9 -7.34 4.20 19.94
N LYS A 10 -7.07 5.48 19.75
CA LYS A 10 -7.59 6.51 20.65
C LYS A 10 -9.00 6.94 20.28
N ALA A 11 -9.57 6.33 19.25
CA ALA A 11 -10.91 6.69 18.80
C ALA A 11 -12.04 5.79 19.32
N LYS A 12 -13.17 6.42 19.61
CA LYS A 12 -14.36 5.72 20.07
C LYS A 12 -15.42 6.03 19.03
N ILE A 13 -15.98 5.00 18.42
CA ILE A 13 -16.99 5.22 17.38
C ILE A 13 -18.19 4.30 17.50
N LEU A 14 -19.25 4.67 16.80
CA LEU A 14 -20.48 3.90 16.78
C LEU A 14 -20.58 3.23 15.42
N ILE A 15 -20.93 1.95 15.41
CA ILE A 15 -21.10 1.21 14.18
C ILE A 15 -22.45 0.53 14.20
N PRO A 16 -23.04 0.27 13.02
CA PRO A 16 -24.35 -0.38 12.97
C PRO A 16 -24.31 -1.83 13.47
N PRO A 25 -26.27 -0.06 5.32
CA PRO A 25 -25.73 0.49 6.58
C PRO A 25 -24.40 1.18 6.31
N VAL A 26 -23.44 0.98 7.21
CA VAL A 26 -22.11 1.58 7.06
C VAL A 26 -21.06 0.53 7.42
N PHE A 27 -20.18 0.26 6.47
CA PHE A 27 -19.13 -0.74 6.62
C PHE A 27 -18.02 -0.41 7.62
N TYR A 28 -17.67 -1.41 8.43
CA TYR A 28 -16.60 -1.31 9.40
C TYR A 28 -15.96 -2.69 9.54
N ASN A 29 -14.64 -2.75 9.34
CA ASN A 29 -13.92 -4.01 9.46
C ASN A 29 -12.80 -3.85 10.47
N PRO A 30 -12.96 -4.45 11.66
CA PRO A 30 -11.93 -4.37 12.70
C PRO A 30 -10.59 -4.95 12.25
N ARG A 31 -10.64 -5.86 11.29
CA ARG A 31 -9.41 -6.48 10.79
C ARG A 31 -8.56 -5.42 10.08
N MET A 32 -9.18 -4.30 9.71
CA MET A 32 -8.47 -3.22 9.04
C MET A 32 -7.85 -2.22 10.01
N ALA A 33 -7.93 -2.52 11.30
CA ALA A 33 -7.34 -1.66 12.32
C ALA A 33 -5.83 -1.66 12.16
N LEU A 34 -5.27 -2.80 11.75
CA LEU A 34 -3.83 -2.93 11.54
C LEU A 34 -3.40 -1.98 10.43
N ASN A 35 -4.15 -2.00 9.33
CA ASN A 35 -3.89 -1.15 8.18
C ASN A 35 -3.86 0.31 8.63
N ARG A 36 -4.85 0.71 9.43
CA ARG A 36 -4.90 2.08 9.92
C ARG A 36 -3.75 2.39 10.89
N ASP A 37 -3.32 1.40 11.67
CA ASP A 37 -2.20 1.61 12.58
C ASP A 37 -0.98 2.00 11.75
N ILE A 38 -0.74 1.25 10.67
CA ILE A 38 0.41 1.49 9.81
C ILE A 38 0.44 2.92 9.28
N VAL A 39 -0.70 3.37 8.74
CA VAL A 39 -0.74 4.74 8.21
C VAL A 39 -0.54 5.75 9.34
N VAL A 40 -1.11 5.48 10.51
CA VAL A 40 -0.95 6.38 11.66
C VAL A 40 0.54 6.51 11.99
N VAL A 41 1.24 5.38 11.97
CA VAL A 41 2.67 5.38 12.26
C VAL A 41 3.42 6.21 11.24
N LEU A 42 3.12 5.96 9.96
CA LEU A 42 3.75 6.68 8.87
C LEU A 42 3.54 8.18 8.97
N LEU A 43 2.30 8.60 9.22
CA LEU A 43 2.00 10.01 9.31
C LEU A 43 2.75 10.70 10.44
N ASN A 44 3.09 9.95 11.49
CA ASN A 44 3.82 10.50 12.62
C ASN A 44 5.29 10.72 12.26
N ILE A 45 5.69 10.23 11.09
CA ILE A 45 7.05 10.38 10.61
C ILE A 45 7.07 11.48 9.55
N LEU A 46 6.14 11.40 8.60
CA LEU A 46 6.08 12.37 7.51
C LEU A 46 5.37 13.68 7.87
N ASN A 47 4.49 13.64 8.86
CA ASN A 47 3.80 14.85 9.33
C ASN A 47 3.00 15.67 8.31
N PRO A 48 2.21 15.02 7.44
CA PRO A 48 1.44 15.84 6.47
C PRO A 48 0.41 16.70 7.21
N LYS A 49 0.28 17.96 6.81
CA LYS A 49 -0.65 18.89 7.45
C LYS A 49 -2.12 18.75 7.04
N ILE A 50 -2.38 18.74 5.74
CA ILE A 50 -3.75 18.62 5.23
C ILE A 50 -3.93 17.22 4.65
N VAL A 51 -4.84 16.45 5.23
CA VAL A 51 -5.05 15.08 4.78
C VAL A 51 -6.50 14.76 4.44
N LEU A 52 -6.67 13.74 3.60
CA LEU A 52 -7.99 13.31 3.17
C LEU A 52 -8.23 11.81 3.34
N ASP A 53 -9.36 11.48 3.96
CA ASP A 53 -9.81 10.10 4.14
C ASP A 53 -10.92 10.08 3.07
N ALA A 54 -10.55 9.70 1.85
CA ALA A 54 -11.44 9.71 0.68
C ALA A 54 -12.74 8.93 0.71
N LEU A 55 -12.72 7.73 1.28
CA LEU A 55 -13.90 6.86 1.37
C LEU A 55 -13.93 6.44 2.84
N SER A 56 -14.50 7.31 3.67
CA SER A 56 -14.53 7.14 5.12
C SER A 56 -15.48 6.15 5.80
N ALA A 57 -16.63 5.89 5.21
CA ALA A 57 -17.60 4.96 5.83
C ALA A 57 -17.99 5.47 7.23
N THR A 58 -17.46 4.84 8.28
CA THR A 58 -17.79 5.26 9.64
C THR A 58 -16.99 6.50 10.05
N GLY A 59 -15.90 6.76 9.32
CA GLY A 59 -15.05 7.91 9.62
C GLY A 59 -13.86 7.54 10.48
N ILE A 60 -13.73 6.26 10.83
CA ILE A 60 -12.64 5.81 11.69
C ILE A 60 -11.23 6.23 11.27
N ARG A 61 -10.94 6.14 9.98
CA ARG A 61 -9.60 6.49 9.50
C ARG A 61 -9.28 7.97 9.77
N GLY A 62 -10.15 8.86 9.28
CA GLY A 62 -9.94 10.28 9.48
C GLY A 62 -9.93 10.68 10.96
N ILE A 63 -10.80 10.05 11.75
CA ILE A 63 -10.84 10.37 13.17
C ILE A 63 -9.52 9.99 13.83
N ARG A 64 -8.96 8.84 13.47
CA ARG A 64 -7.69 8.43 14.04
C ARG A 64 -6.56 9.36 13.55
N PHE A 65 -6.66 9.81 12.31
CA PHE A 65 -5.64 10.73 11.78
C PHE A 65 -5.63 11.97 12.67
N ALA A 66 -6.83 12.50 12.95
CA ALA A 66 -6.98 13.69 13.77
C ALA A 66 -6.52 13.48 15.22
N LEU A 67 -6.88 12.33 15.79
CA LEU A 67 -6.52 12.05 17.18
C LEU A 67 -5.10 11.55 17.42
N GLU A 68 -4.50 10.91 16.41
CA GLU A 68 -3.18 10.31 16.60
C GLU A 68 -2.01 10.76 15.74
N THR A 69 -2.20 11.79 14.92
CA THR A 69 -1.12 12.25 14.07
C THR A 69 -1.04 13.77 14.08
N PRO A 70 0.05 14.34 13.55
CA PRO A 70 0.24 15.79 13.49
C PRO A 70 -0.64 16.50 12.46
N ALA A 71 -1.52 15.75 11.80
CA ALA A 71 -2.40 16.35 10.80
C ALA A 71 -3.16 17.51 11.43
N GLU A 72 -3.24 18.63 10.72
CA GLU A 72 -3.92 19.82 11.21
C GLU A 72 -5.33 19.99 10.65
N GLU A 73 -5.52 19.57 9.40
CA GLU A 73 -6.81 19.67 8.75
C GLU A 73 -7.12 18.29 8.18
N VAL A 74 -8.21 17.69 8.64
CA VAL A 74 -8.59 16.36 8.19
C VAL A 74 -9.95 16.35 7.52
N TRP A 75 -9.98 15.85 6.29
CA TRP A 75 -11.22 15.76 5.54
C TRP A 75 -11.72 14.31 5.52
N LEU A 76 -12.99 14.13 5.78
CA LEU A 76 -13.62 12.82 5.76
C LEU A 76 -14.71 12.89 4.70
N ASN A 77 -14.74 11.91 3.80
CA ASN A 77 -15.73 11.94 2.73
C ASN A 77 -16.38 10.59 2.45
N ASP A 78 -17.65 10.63 2.07
CA ASP A 78 -18.39 9.43 1.70
C ASP A 78 -19.62 9.83 0.90
N ILE A 79 -19.93 9.07 -0.14
CA ILE A 79 -21.07 9.36 -0.98
C ILE A 79 -22.40 8.95 -0.34
N SER A 80 -22.33 8.06 0.63
CA SER A 80 -23.54 7.57 1.31
C SER A 80 -24.08 8.49 2.39
N GLU A 81 -25.39 8.75 2.34
CA GLU A 81 -26.06 9.59 3.32
C GLU A 81 -25.96 8.98 4.72
N ASP A 82 -26.14 7.67 4.82
CA ASP A 82 -26.06 6.97 6.09
C ASP A 82 -24.65 7.11 6.67
N ALA A 83 -23.65 6.94 5.81
CA ALA A 83 -22.27 7.06 6.26
C ALA A 83 -22.00 8.48 6.73
N TYR A 84 -22.47 9.46 5.95
CA TYR A 84 -22.28 10.86 6.29
C TYR A 84 -22.88 11.19 7.67
N GLU A 85 -24.10 10.73 7.91
CA GLU A 85 -24.75 10.96 9.20
C GLU A 85 -23.95 10.33 10.34
N LEU A 86 -23.43 9.14 10.12
CA LEU A 86 -22.66 8.44 11.13
C LEU A 86 -21.31 9.10 11.36
N MET A 87 -20.72 9.63 10.28
CA MET A 87 -19.44 10.31 10.39
C MET A 87 -19.57 11.52 11.30
N LYS A 88 -20.62 12.31 11.12
CA LYS A 88 -20.83 13.50 11.96
C LYS A 88 -20.98 13.10 13.44
N ARG A 89 -21.71 12.02 13.70
CA ARG A 89 -21.90 11.55 15.07
C ARG A 89 -20.59 11.10 15.69
N ASN A 90 -19.83 10.29 14.96
CA ASN A 90 -18.58 9.79 15.49
C ASN A 90 -17.55 10.88 15.72
N VAL A 91 -17.54 11.89 14.85
CA VAL A 91 -16.59 12.98 15.04
C VAL A 91 -16.91 13.72 16.34
N MET A 92 -18.19 13.98 16.57
CA MET A 92 -18.59 14.68 17.79
C MET A 92 -18.45 13.82 19.03
N LEU A 93 -18.23 12.53 18.82
CA LEU A 93 -18.06 11.61 19.94
C LEU A 93 -16.61 11.68 20.41
N ASN A 94 -15.74 12.23 19.55
CA ASN A 94 -14.32 12.32 19.86
C ASN A 94 -13.78 13.74 19.97
N PHE A 95 -14.60 14.72 19.58
CA PHE A 95 -14.19 16.12 19.63
C PHE A 95 -15.32 16.98 20.18
N ASP A 96 -14.94 18.10 20.80
CA ASP A 96 -15.92 19.03 21.35
C ASP A 96 -16.02 20.18 20.36
N GLY A 97 -16.95 21.10 20.61
CA GLY A 97 -17.09 22.24 19.71
C GLY A 97 -18.36 22.23 18.89
N GLU A 98 -18.45 23.18 17.97
CA GLU A 98 -19.62 23.29 17.11
C GLU A 98 -19.36 22.77 15.70
N LEU A 99 -19.99 21.65 15.36
CA LEU A 99 -19.84 21.08 14.03
C LEU A 99 -20.86 21.81 13.15
N ARG A 100 -20.40 22.87 12.50
CA ARG A 100 -21.28 23.68 11.65
C ARG A 100 -21.55 23.02 10.31
N GLU A 101 -22.83 22.75 10.03
CA GLU A 101 -23.22 22.09 8.80
C GLU A 101 -24.01 22.95 7.82
N SER A 102 -23.73 22.77 6.54
CA SER A 102 -24.41 23.49 5.48
C SER A 102 -24.23 22.79 4.13
N LYS A 103 -25.35 22.31 3.59
CA LYS A 103 -25.37 21.63 2.30
C LYS A 103 -24.41 20.45 2.12
N GLY A 104 -24.59 19.40 2.91
CA GLY A 104 -23.75 18.23 2.79
C GLY A 104 -22.30 18.38 3.22
N ARG A 105 -22.02 19.39 4.05
CA ARG A 105 -20.66 19.62 4.54
C ARG A 105 -20.72 20.18 5.97
N ALA A 106 -19.99 19.54 6.88
CA ALA A 106 -19.96 19.98 8.28
C ALA A 106 -18.50 20.22 8.67
N ILE A 107 -18.24 21.38 9.27
CA ILE A 107 -16.88 21.74 9.63
C ILE A 107 -16.71 22.13 11.09
N LEU A 108 -15.67 21.57 11.72
CA LEU A 108 -15.36 21.87 13.12
C LEU A 108 -14.00 22.54 13.14
N LYS A 109 -13.94 23.78 13.64
CA LYS A 109 -12.66 24.48 13.66
C LYS A 109 -11.99 24.54 15.03
N GLY A 110 -11.49 23.39 15.50
CA GLY A 110 -10.84 23.34 16.79
C GLY A 110 -9.34 23.28 16.64
N GLU A 111 -8.64 22.70 17.62
CA GLU A 111 -7.18 22.60 17.53
C GLU A 111 -6.88 22.03 16.16
N LYS A 112 -7.70 21.07 15.75
CA LYS A 112 -7.58 20.48 14.44
C LYS A 112 -8.88 20.80 13.71
N THR A 113 -8.80 21.05 12.42
CA THR A 113 -9.99 21.36 11.64
C THR A 113 -10.45 20.07 10.99
N ILE A 114 -11.72 19.74 11.21
CA ILE A 114 -12.30 18.52 10.66
C ILE A 114 -13.40 18.90 9.69
N VAL A 115 -13.31 18.37 8.48
CA VAL A 115 -14.29 18.66 7.43
C VAL A 115 -14.94 17.36 7.00
N ILE A 116 -16.25 17.24 7.26
CA ILE A 116 -16.99 16.06 6.90
C ILE A 116 -17.77 16.37 5.62
N ASN A 117 -17.55 15.56 4.59
CA ASN A 117 -18.18 15.79 3.30
C ASN A 117 -19.05 14.63 2.83
N HIS A 118 -20.18 14.98 2.23
CA HIS A 118 -21.10 13.99 1.68
C HIS A 118 -21.04 14.15 0.16
N ASP A 119 -20.32 13.25 -0.52
CA ASP A 119 -20.22 13.38 -1.97
C ASP A 119 -19.34 12.29 -2.58
N ASP A 120 -19.35 12.20 -3.90
CA ASP A 120 -18.52 11.24 -4.62
C ASP A 120 -17.07 11.70 -4.41
N ALA A 121 -16.19 10.77 -4.06
CA ALA A 121 -14.79 11.10 -3.82
C ALA A 121 -14.16 11.82 -5.02
N ASN A 122 -14.51 11.42 -6.23
CA ASN A 122 -13.96 12.05 -7.43
C ASN A 122 -14.40 13.51 -7.53
N ARG A 123 -15.63 13.81 -7.10
CA ARG A 123 -16.11 15.18 -7.16
C ARG A 123 -15.40 16.03 -6.12
N LEU A 124 -15.25 15.50 -4.91
CA LEU A 124 -14.55 16.24 -3.85
C LEU A 124 -13.09 16.51 -4.25
N MET A 125 -12.38 15.49 -4.71
CA MET A 125 -10.98 15.67 -5.10
C MET A 125 -10.81 16.61 -6.29
N ALA A 126 -11.79 16.64 -7.20
CA ALA A 126 -11.74 17.53 -8.35
C ALA A 126 -11.89 18.97 -7.87
N GLU A 127 -12.65 19.16 -6.80
CA GLU A 127 -12.87 20.48 -6.24
C GLU A 127 -11.63 20.97 -5.48
N ARG A 128 -10.87 20.05 -4.91
CA ARG A 128 -9.66 20.38 -4.16
C ARG A 128 -8.40 20.02 -4.96
N HIS A 129 -8.14 20.80 -6.01
CA HIS A 129 -6.99 20.59 -6.89
C HIS A 129 -5.68 20.98 -6.19
N ARG A 130 -4.68 20.10 -6.26
CA ARG A 130 -3.37 20.35 -5.65
C ARG A 130 -3.55 20.94 -4.26
N TYR A 131 -4.29 20.22 -3.41
CA TYR A 131 -4.60 20.71 -2.08
C TYR A 131 -4.11 19.88 -0.89
N PHE A 132 -4.19 18.56 -1.00
CA PHE A 132 -3.78 17.69 0.10
C PHE A 132 -2.33 17.26 0.14
N HIS A 133 -1.78 17.23 1.35
CA HIS A 133 -0.40 16.78 1.57
C HIS A 133 -0.42 15.25 1.58
N PHE A 134 -1.58 14.68 1.91
CA PHE A 134 -1.73 13.23 1.93
C PHE A 134 -3.17 12.83 1.65
N ILE A 135 -3.33 11.85 0.79
CA ILE A 135 -4.65 11.32 0.46
C ILE A 135 -4.58 9.82 0.66
N ASP A 136 -5.55 9.27 1.37
CA ASP A 136 -5.60 7.84 1.59
C ASP A 136 -6.82 7.28 0.86
N LEU A 137 -6.57 6.46 -0.17
CA LEU A 137 -7.62 5.85 -0.97
C LEU A 137 -7.80 4.42 -0.51
N ASP A 138 -8.91 4.15 0.16
CA ASP A 138 -9.20 2.81 0.66
C ASP A 138 -10.64 2.43 0.31
N PRO A 139 -10.89 2.07 -0.96
CA PRO A 139 -12.22 1.68 -1.43
C PRO A 139 -12.55 0.20 -1.28
N PHE A 140 -13.77 -0.15 -1.66
CA PHE A 140 -14.22 -1.54 -1.62
C PHE A 140 -13.72 -2.16 -2.92
N GLY A 141 -12.54 -2.78 -2.88
CA GLY A 141 -12.01 -3.39 -4.08
C GLY A 141 -10.90 -2.61 -4.77
N SER A 142 -11.18 -2.14 -5.98
CA SER A 142 -10.20 -1.40 -6.78
C SER A 142 -10.23 0.12 -6.57
N PRO A 143 -9.05 0.75 -6.55
CA PRO A 143 -8.96 2.21 -6.36
C PRO A 143 -8.80 2.92 -7.71
N MET A 144 -8.81 2.15 -8.78
CA MET A 144 -8.60 2.69 -10.12
C MET A 144 -9.58 3.74 -10.61
N GLU A 145 -10.83 3.70 -10.18
CA GLU A 145 -11.78 4.72 -10.62
C GLU A 145 -11.51 6.07 -9.94
N PHE A 146 -10.64 6.07 -8.93
CA PHE A 146 -10.33 7.29 -8.18
C PHE A 146 -8.87 7.76 -8.29
N LEU A 147 -8.00 6.91 -8.84
CA LEU A 147 -6.58 7.22 -8.93
C LEU A 147 -6.18 8.47 -9.71
N ASP A 148 -6.74 8.66 -10.90
CA ASP A 148 -6.35 9.82 -11.69
C ASP A 148 -6.69 11.14 -11.00
N THR A 149 -7.87 11.21 -10.40
CA THR A 149 -8.27 12.44 -9.72
C THR A 149 -7.44 12.66 -8.46
N ALA A 150 -7.11 11.58 -7.75
CA ALA A 150 -6.28 11.73 -6.55
C ALA A 150 -4.93 12.31 -6.93
N LEU A 151 -4.43 11.92 -8.10
CA LEU A 151 -3.13 12.39 -8.58
C LEU A 151 -3.15 13.87 -8.93
N ARG A 152 -4.34 14.45 -9.05
CA ARG A 152 -4.49 15.87 -9.33
C ARG A 152 -4.85 16.64 -8.05
N SER A 153 -5.48 15.96 -7.10
CA SER A 153 -5.89 16.57 -5.83
C SER A 153 -4.75 16.67 -4.81
N ALA A 154 -3.81 15.73 -4.85
CA ALA A 154 -2.67 15.77 -3.94
C ALA A 154 -1.73 16.87 -4.45
N LYS A 155 -0.91 17.43 -3.56
CA LYS A 155 0.08 18.46 -3.96
C LYS A 155 1.07 17.75 -4.89
N ARG A 156 1.85 18.52 -5.65
CA ARG A 156 2.82 17.94 -6.57
C ARG A 156 3.96 17.21 -5.84
N ARG A 157 4.07 17.44 -4.54
CA ARG A 157 5.08 16.76 -3.75
C ARG A 157 4.34 16.07 -2.59
N GLY A 158 3.07 15.78 -2.84
CA GLY A 158 2.24 15.14 -1.84
C GLY A 158 2.49 13.65 -1.68
N ILE A 159 1.74 13.04 -0.77
CA ILE A 159 1.87 11.63 -0.49
C ILE A 159 0.55 10.96 -0.82
N LEU A 160 0.62 9.80 -1.46
CA LEU A 160 -0.58 9.09 -1.81
C LEU A 160 -0.56 7.69 -1.19
N GLY A 161 -1.64 7.36 -0.49
CA GLY A 161 -1.75 6.05 0.11
C GLY A 161 -2.84 5.34 -0.66
N VAL A 162 -2.53 4.19 -1.25
CA VAL A 162 -3.52 3.46 -2.02
C VAL A 162 -3.63 2.01 -1.59
N THR A 163 -4.87 1.53 -1.51
CA THR A 163 -5.12 0.16 -1.12
C THR A 163 -5.97 -0.52 -2.20
N ALA A 164 -5.63 -1.75 -2.52
CA ALA A 164 -6.40 -2.53 -3.48
C ALA A 164 -6.82 -3.76 -2.69
N THR A 165 -8.13 -3.97 -2.57
CA THR A 165 -8.66 -5.11 -1.82
C THR A 165 -8.85 -6.35 -2.68
N ASP A 166 -9.41 -6.18 -3.87
CA ASP A 166 -9.64 -7.31 -4.75
C ASP A 166 -8.34 -7.79 -5.38
N GLY A 167 -7.75 -8.81 -4.76
CA GLY A 167 -6.50 -9.37 -5.25
C GLY A 167 -6.66 -10.41 -6.34
N ALA A 168 -7.90 -10.64 -6.77
CA ALA A 168 -8.16 -11.63 -7.81
C ALA A 168 -7.49 -11.22 -9.12
N PRO A 169 -7.61 -9.94 -9.52
CA PRO A 169 -6.95 -9.54 -10.76
C PRO A 169 -5.46 -9.33 -10.58
N LEU A 170 -5.06 -8.80 -9.42
CA LEU A 170 -3.64 -8.56 -9.16
C LEU A 170 -2.82 -9.83 -8.96
N CYS A 171 -3.47 -10.91 -8.55
CA CYS A 171 -2.75 -12.16 -8.34
C CYS A 171 -2.84 -13.12 -9.52
N GLY A 172 -3.45 -12.66 -10.60
CA GLY A 172 -3.54 -13.49 -11.80
C GLY A 172 -4.75 -14.39 -11.96
N ALA A 173 -5.61 -14.49 -10.95
CA ALA A 173 -6.79 -15.34 -11.06
C ALA A 173 -7.75 -14.82 -12.13
N HIS A 174 -7.92 -13.49 -12.19
CA HIS A 174 -8.78 -12.83 -13.16
C HIS A 174 -7.91 -11.95 -14.07
N PRO A 175 -7.20 -12.57 -15.02
CA PRO A 175 -6.31 -11.84 -15.94
C PRO A 175 -6.97 -10.76 -16.79
N ARG A 176 -8.14 -11.05 -17.35
CA ARG A 176 -8.81 -10.06 -18.19
C ARG A 176 -9.17 -8.82 -17.38
N ALA A 177 -9.63 -9.02 -16.16
CA ALA A 177 -9.98 -7.91 -15.30
C ALA A 177 -8.73 -7.10 -14.95
N CYS A 178 -7.60 -7.79 -14.79
CA CYS A 178 -6.35 -7.10 -14.46
C CYS A 178 -5.93 -6.22 -15.63
N LEU A 179 -6.11 -6.71 -16.85
CA LEU A 179 -5.76 -5.93 -18.03
C LEU A 179 -6.63 -4.66 -18.09
N ARG A 180 -7.92 -4.82 -17.82
CA ARG A 180 -8.85 -3.70 -17.86
C ARG A 180 -8.60 -2.66 -16.77
N LYS A 181 -8.40 -3.11 -15.53
CA LYS A 181 -8.22 -2.21 -14.42
C LYS A 181 -6.81 -1.65 -14.23
N TYR A 182 -5.81 -2.51 -14.35
CA TYR A 182 -4.42 -2.13 -14.13
C TYR A 182 -3.53 -2.04 -15.38
N LEU A 183 -4.09 -2.34 -16.54
CA LEU A 183 -3.34 -2.29 -17.79
C LEU A 183 -1.99 -3.02 -17.65
N ALA A 184 -2.04 -4.24 -17.13
CA ALA A 184 -0.84 -5.05 -16.94
C ALA A 184 -1.23 -6.53 -16.95
N VAL A 185 -0.27 -7.37 -17.36
CA VAL A 185 -0.46 -8.82 -17.42
C VAL A 185 0.07 -9.40 -16.11
N PRO A 186 -0.83 -9.96 -15.27
CA PRO A 186 -0.46 -10.55 -13.98
C PRO A 186 0.20 -11.93 -14.05
N LEU A 187 0.96 -12.24 -13.01
CA LEU A 187 1.64 -13.53 -12.92
C LEU A 187 1.09 -14.29 -11.70
N ARG A 188 0.47 -15.43 -11.94
CA ARG A 188 -0.06 -16.21 -10.83
C ARG A 188 1.02 -17.11 -10.23
N GLY A 189 0.74 -17.69 -9.07
CA GLY A 189 1.72 -18.56 -8.44
C GLY A 189 2.34 -17.97 -7.20
N GLU A 190 3.46 -18.55 -6.79
CA GLU A 190 4.17 -18.12 -5.59
C GLU A 190 4.63 -16.66 -5.54
N LEU A 191 4.82 -16.04 -6.70
CA LEU A 191 5.28 -14.65 -6.73
C LEU A 191 4.16 -13.61 -6.85
N CYS A 192 2.92 -14.07 -7.02
CA CYS A 192 1.80 -13.16 -7.22
C CYS A 192 1.60 -12.04 -6.21
N HIS A 193 1.83 -12.31 -4.92
CA HIS A 193 1.65 -11.26 -3.92
C HIS A 193 2.59 -10.09 -4.23
N GLU A 194 3.83 -10.38 -4.58
CA GLU A 194 4.76 -9.29 -4.88
C GLU A 194 4.50 -8.68 -6.25
N VAL A 195 4.24 -9.52 -7.26
CA VAL A 195 3.98 -8.99 -8.60
C VAL A 195 2.76 -8.07 -8.56
N GLY A 196 1.72 -8.50 -7.85
CA GLY A 196 0.52 -7.69 -7.73
C GLY A 196 0.85 -6.36 -7.08
N THR A 197 1.73 -6.39 -6.08
CA THR A 197 2.14 -5.19 -5.38
C THR A 197 2.92 -4.28 -6.32
N ARG A 198 3.79 -4.87 -7.14
CA ARG A 198 4.58 -4.09 -8.09
C ARG A 198 3.71 -3.58 -9.23
N ILE A 199 2.64 -4.29 -9.56
CA ILE A 199 1.72 -3.85 -10.60
C ILE A 199 0.99 -2.60 -10.08
N LEU A 200 0.60 -2.62 -8.82
CA LEU A 200 -0.09 -1.48 -8.21
C LEU A 200 0.82 -0.25 -8.23
N VAL A 201 2.06 -0.41 -7.78
CA VAL A 201 2.98 0.73 -7.76
C VAL A 201 3.18 1.22 -9.19
N GLY A 202 3.35 0.27 -10.11
CA GLY A 202 3.56 0.60 -11.50
C GLY A 202 2.45 1.39 -12.16
N VAL A 203 1.20 1.10 -11.82
CA VAL A 203 0.08 1.83 -12.43
C VAL A 203 0.00 3.25 -11.88
N ILE A 204 0.35 3.43 -10.61
CA ILE A 204 0.35 4.75 -10.00
C ILE A 204 1.42 5.58 -10.72
N ALA A 205 2.58 4.99 -10.94
CA ALA A 205 3.68 5.67 -11.61
C ALA A 205 3.29 6.06 -13.04
N ARG A 206 2.64 5.15 -13.75
CA ARG A 206 2.23 5.43 -15.12
C ARG A 206 1.17 6.52 -15.21
N TYR A 207 0.17 6.50 -14.34
CA TYR A 207 -0.86 7.54 -14.37
C TYR A 207 -0.32 8.90 -13.97
N ALA A 208 0.69 8.90 -13.10
CA ALA A 208 1.27 10.15 -12.60
C ALA A 208 2.13 10.90 -13.61
N ALA A 209 2.79 10.16 -14.50
CA ALA A 209 3.69 10.75 -15.49
C ALA A 209 3.13 11.88 -16.33
N LYS A 210 1.87 11.79 -16.76
CA LYS A 210 1.31 12.84 -17.58
C LYS A 210 1.22 14.21 -16.91
N TYR A 211 1.29 14.23 -15.58
CA TYR A 211 1.24 15.50 -14.85
C TYR A 211 2.65 15.99 -14.59
N ASP A 212 3.61 15.38 -15.28
CA ASP A 212 5.03 15.69 -15.11
C ASP A 212 5.40 15.47 -13.65
N LEU A 213 4.96 14.32 -13.12
CA LEU A 213 5.23 13.93 -11.75
C LEU A 213 5.86 12.55 -11.76
N GLY A 214 6.79 12.32 -10.84
CA GLY A 214 7.41 11.01 -10.72
C GLY A 214 7.02 10.53 -9.34
N ILE A 215 7.52 9.36 -8.93
CA ILE A 215 7.22 8.86 -7.60
C ILE A 215 8.41 8.16 -6.97
N ASP A 216 8.40 8.15 -5.64
CA ASP A 216 9.40 7.45 -4.85
C ASP A 216 8.52 6.60 -3.94
N VAL A 217 8.80 5.31 -3.85
CA VAL A 217 8.00 4.46 -2.99
C VAL A 217 8.45 4.63 -1.55
N ILE A 218 7.49 4.93 -0.67
CA ILE A 218 7.80 5.08 0.75
C ILE A 218 7.70 3.69 1.37
N LEU A 219 6.60 3.02 1.08
CA LEU A 219 6.35 1.69 1.61
C LEU A 219 5.22 1.03 0.84
N ALA A 220 5.47 -0.18 0.35
CA ALA A 220 4.44 -0.92 -0.38
C ALA A 220 4.55 -2.35 0.12
N TYR A 221 3.40 -2.95 0.44
CA TYR A 221 3.42 -4.30 0.97
C TYR A 221 2.12 -5.04 0.72
N TYR A 222 2.14 -6.34 1.00
CA TYR A 222 0.97 -7.19 0.86
C TYR A 222 0.64 -7.74 2.25
N LYS A 223 -0.65 -7.85 2.55
CA LYS A 223 -1.08 -8.37 3.85
C LYS A 223 -2.52 -8.85 3.81
N ASP A 224 -2.70 -10.13 4.14
CA ASP A 224 -4.01 -10.74 4.20
C ASP A 224 -4.95 -10.34 3.06
N HIS A 225 -4.53 -10.64 1.84
CA HIS A 225 -5.32 -10.38 0.65
C HIS A 225 -5.61 -8.93 0.28
N TYR A 226 -4.75 -8.01 0.70
CA TYR A 226 -4.91 -6.62 0.31
C TYR A 226 -3.54 -6.05 0.00
N PHE A 227 -3.49 -5.18 -1.00
CA PHE A 227 -2.25 -4.57 -1.43
C PHE A 227 -2.23 -3.11 -1.01
N ARG A 228 -1.10 -2.67 -0.47
CA ARG A 228 -0.93 -1.30 0.03
C ARG A 228 0.28 -0.62 -0.58
N ALA A 229 0.12 0.64 -0.98
CA ALA A 229 1.22 1.39 -1.56
C ALA A 229 1.23 2.83 -1.11
N PHE A 230 2.33 3.25 -0.51
CA PHE A 230 2.51 4.63 -0.06
C PHE A 230 3.59 5.22 -0.96
N VAL A 231 3.26 6.27 -1.69
CA VAL A 231 4.23 6.90 -2.58
C VAL A 231 4.35 8.39 -2.35
N LYS A 232 5.53 8.91 -2.64
CA LYS A 232 5.84 10.32 -2.50
C LYS A 232 5.92 10.88 -3.92
N LEU A 233 5.07 11.84 -4.24
CA LEU A 233 5.08 12.41 -5.58
C LEU A 233 6.31 13.31 -5.75
N LYS A 234 6.92 13.24 -6.93
CA LYS A 234 8.10 14.04 -7.26
C LYS A 234 7.70 15.02 -8.36
N ASP A 235 8.04 16.29 -8.15
CA ASP A 235 7.66 17.34 -9.11
C ASP A 235 8.66 17.62 -10.22
N GLY A 236 8.30 17.28 -11.45
CA GLY A 236 9.18 17.53 -12.58
C GLY A 236 9.09 16.52 -13.71
N ALA A 237 9.13 17.00 -14.94
CA ALA A 237 9.07 16.15 -16.12
C ALA A 237 10.20 15.12 -16.10
N ARG A 238 11.40 15.59 -15.77
CA ARG A 238 12.58 14.73 -15.72
C ARG A 238 12.36 13.65 -14.66
N LYS A 239 11.74 14.04 -13.55
CA LYS A 239 11.47 13.10 -12.48
C LYS A 239 10.45 12.06 -12.95
N GLY A 240 9.54 12.50 -13.82
CA GLY A 240 8.56 11.59 -14.38
C GLY A 240 9.30 10.63 -15.29
N ASP A 241 10.24 11.15 -16.09
CA ASP A 241 11.00 10.30 -16.99
C ASP A 241 11.79 9.23 -16.23
N GLU A 242 12.46 9.63 -15.16
CA GLU A 242 13.26 8.69 -14.36
C GLU A 242 12.38 7.64 -13.70
N THR A 243 11.16 8.02 -13.37
CA THR A 243 10.22 7.09 -12.74
C THR A 243 9.81 6.02 -13.75
N LEU A 244 9.45 6.46 -14.96
CA LEU A 244 9.06 5.50 -15.99
C LEU A 244 10.22 4.56 -16.32
N GLU A 245 11.46 5.03 -16.12
CA GLU A 245 12.62 4.19 -16.38
C GLU A 245 12.77 3.07 -15.35
N LYS A 246 12.01 3.13 -14.27
CA LYS A 246 12.10 2.11 -13.24
C LYS A 246 11.06 1.01 -13.46
N LEU A 247 10.27 1.15 -14.52
CA LEU A 247 9.26 0.17 -14.87
C LEU A 247 9.95 -0.95 -15.65
N GLY A 248 9.34 -2.13 -15.65
CA GLY A 248 9.94 -3.24 -16.37
C GLY A 248 8.99 -4.42 -16.45
N TYR A 249 9.52 -5.56 -16.85
CA TYR A 249 8.72 -6.77 -17.00
C TYR A 249 9.41 -7.97 -16.37
N ILE A 250 8.63 -9.01 -16.11
CA ILE A 250 9.14 -10.23 -15.51
C ILE A 250 8.85 -11.42 -16.42
N TYR A 251 9.82 -12.33 -16.51
CA TYR A 251 9.69 -13.54 -17.30
C TYR A 251 9.79 -14.64 -16.25
N PHE A 252 8.94 -15.63 -16.36
CA PHE A 252 8.90 -16.71 -15.37
C PHE A 252 8.85 -18.08 -16.03
N ASP A 253 9.74 -18.97 -15.62
CA ASP A 253 9.77 -20.33 -16.18
C ASP A 253 8.95 -21.24 -15.27
N ASP A 254 7.80 -21.70 -15.76
CA ASP A 254 6.92 -22.55 -14.97
C ASP A 254 7.52 -23.90 -14.57
N LYS A 255 8.52 -24.35 -15.31
CA LYS A 255 9.13 -25.64 -15.00
C LYS A 255 10.27 -25.56 -14.00
N THR A 256 10.76 -24.36 -13.73
CA THR A 256 11.88 -24.19 -12.81
C THR A 256 11.70 -23.17 -11.68
N GLY A 257 10.82 -22.19 -11.87
CA GLY A 257 10.64 -21.19 -10.85
C GLY A 257 11.65 -20.06 -11.00
N LYS A 258 12.47 -20.15 -12.03
CA LYS A 258 13.46 -19.11 -12.29
C LYS A 258 12.80 -17.91 -12.94
N PHE A 259 13.17 -16.71 -12.52
CA PHE A 259 12.61 -15.49 -13.10
C PHE A 259 13.71 -14.67 -13.75
N GLU A 260 13.32 -13.81 -14.67
CA GLU A 260 14.24 -12.92 -15.37
C GLU A 260 13.61 -11.54 -15.31
N LEU A 261 14.45 -10.51 -15.27
CA LEU A 261 13.93 -9.15 -15.21
C LEU A 261 14.34 -8.37 -16.45
N GLU A 262 13.44 -7.53 -16.94
CA GLU A 262 13.76 -6.70 -18.09
C GLU A 262 13.29 -5.29 -17.82
N GLN A 263 14.24 -4.37 -17.68
CA GLN A 263 13.90 -2.99 -17.42
C GLN A 263 13.65 -2.31 -18.76
N GLY A 264 12.53 -1.60 -18.85
CA GLY A 264 12.20 -0.94 -20.10
C GLY A 264 10.71 -0.68 -20.13
N PHE A 265 10.29 0.32 -20.91
CA PHE A 265 8.87 0.64 -20.98
C PHE A 265 8.08 -0.48 -21.63
N LEU A 266 8.71 -1.19 -22.54
CA LEU A 266 8.09 -2.32 -23.25
C LEU A 266 9.01 -3.54 -23.21
N PRO A 267 8.43 -4.75 -23.17
CA PRO A 267 9.23 -5.97 -23.13
C PRO A 267 9.73 -6.26 -24.55
N THR A 268 10.71 -7.15 -24.70
CA THR A 268 11.23 -7.46 -26.02
C THR A 268 11.26 -8.96 -26.32
N ARG A 269 10.62 -9.73 -25.45
CA ARG A 269 10.56 -11.18 -25.60
C ARG A 269 9.15 -11.66 -25.27
N PRO A 270 8.76 -12.85 -25.75
CA PRO A 270 7.42 -13.36 -25.48
C PRO A 270 7.16 -13.78 -24.03
N ASN A 271 5.88 -13.86 -23.69
CA ASN A 271 5.45 -14.27 -22.36
C ASN A 271 5.87 -13.36 -21.21
N ALA A 272 5.94 -12.05 -21.47
CA ALA A 272 6.33 -11.10 -20.44
C ALA A 272 5.16 -10.78 -19.52
N TYR A 273 5.47 -10.51 -18.26
CA TYR A 273 4.46 -10.13 -17.27
C TYR A 273 4.72 -8.69 -16.86
N GLY A 274 3.65 -7.92 -16.72
CA GLY A 274 3.78 -6.52 -16.35
C GLY A 274 3.00 -5.60 -17.28
N PRO A 275 3.38 -4.32 -17.37
CA PRO A 275 4.51 -3.74 -16.66
C PRO A 275 4.39 -3.69 -15.14
N VAL A 276 5.54 -3.80 -14.47
CA VAL A 276 5.59 -3.74 -13.02
C VAL A 276 6.68 -2.74 -12.62
N TRP A 277 6.60 -2.28 -11.38
CA TRP A 277 7.61 -1.38 -10.83
C TRP A 277 8.78 -2.28 -10.46
N LEU A 278 9.97 -1.96 -10.93
CA LEU A 278 11.16 -2.76 -10.60
C LEU A 278 12.07 -1.99 -9.64
N GLY A 279 11.57 -0.87 -9.14
CA GLY A 279 12.35 -0.08 -8.20
C GLY A 279 12.14 -0.56 -6.78
N PRO A 280 12.57 0.22 -5.78
CA PRO A 280 12.42 -0.13 -4.36
C PRO A 280 10.96 -0.23 -3.94
N LEU A 281 10.66 -1.12 -3.00
CA LEU A 281 9.29 -1.23 -2.49
C LEU A 281 9.24 -0.58 -1.12
N LYS A 282 10.36 0.00 -0.70
CA LYS A 282 10.42 0.68 0.59
C LYS A 282 11.55 1.69 0.66
N ASP A 283 11.38 2.68 1.52
CA ASP A 283 12.41 3.68 1.75
C ASP A 283 13.01 3.20 3.07
N GLU A 284 14.19 2.58 2.98
CA GLU A 284 14.88 2.05 4.16
C GLU A 284 14.81 2.91 5.41
N LYS A 285 15.23 4.16 5.29
CA LYS A 285 15.23 5.10 6.42
C LYS A 285 13.87 5.20 7.11
N ILE A 286 12.86 5.58 6.34
CA ILE A 286 11.51 5.75 6.86
C ILE A 286 10.98 4.50 7.56
N VAL A 287 11.09 3.35 6.92
CA VAL A 287 10.59 2.11 7.52
C VAL A 287 11.34 1.78 8.81
N SER A 288 12.62 2.14 8.86
CA SER A 288 13.40 1.88 10.07
C SER A 288 12.81 2.77 11.16
N LYS A 289 12.54 4.03 10.81
CA LYS A 289 11.95 4.97 11.75
C LYS A 289 10.55 4.52 12.19
N MET A 290 9.82 3.91 11.26
CA MET A 290 8.46 3.43 11.54
C MET A 290 8.45 2.37 12.64
N VAL A 291 9.41 1.45 12.60
CA VAL A 291 9.49 0.40 13.62
C VAL A 291 9.62 1.04 14.99
N LYS A 292 10.48 2.05 15.07
CA LYS A 292 10.75 2.77 16.31
C LYS A 292 9.53 3.58 16.76
N GLU A 293 8.92 4.29 15.82
CA GLU A 293 7.74 5.10 16.12
C GLU A 293 6.61 4.21 16.60
N ALA A 294 6.45 3.05 15.96
CA ALA A 294 5.39 2.12 16.33
C ALA A 294 5.57 1.63 17.76
N GLU A 295 6.82 1.40 18.14
CA GLU A 295 7.13 0.92 19.49
C GLU A 295 6.78 1.95 20.56
N SER A 296 6.98 3.23 20.25
CA SER A 296 6.70 4.30 21.20
C SER A 296 5.28 4.85 21.10
N LEU A 297 4.42 4.17 20.34
CA LEU A 297 3.03 4.62 20.19
C LEU A 297 2.06 3.55 20.68
N SER A 298 0.93 4.00 21.20
CA SER A 298 -0.11 3.07 21.64
C SER A 298 -0.95 2.89 20.38
N LEU A 299 -1.04 1.66 19.90
CA LEU A 299 -1.80 1.38 18.69
C LEU A 299 -2.96 0.44 18.96
N ALA A 300 -3.81 0.23 17.96
CA ALA A 300 -4.95 -0.66 18.10
C ALA A 300 -4.53 -2.13 18.09
N ARG A 301 -3.55 -2.45 17.25
CA ARG A 301 -3.03 -3.81 17.11
C ARG A 301 -1.51 -3.71 17.10
N LYS A 302 -0.96 -3.11 18.15
CA LYS A 302 0.48 -2.91 18.27
C LYS A 302 1.34 -4.15 18.00
N LYS A 303 0.96 -5.28 18.60
CA LYS A 303 1.71 -6.52 18.42
C LYS A 303 1.80 -6.91 16.94
N GLN A 304 0.69 -6.83 16.22
CA GLN A 304 0.68 -7.18 14.81
C GLN A 304 1.41 -6.13 13.97
N ALA A 305 1.30 -4.87 14.37
CA ALA A 305 1.96 -3.78 13.65
C ALA A 305 3.47 -3.95 13.70
N LEU A 306 4.01 -4.14 14.89
CA LEU A 306 5.45 -4.31 15.07
C LEU A 306 5.97 -5.53 14.33
N LYS A 307 5.20 -6.61 14.36
CA LYS A 307 5.60 -7.84 13.69
C LYS A 307 5.73 -7.63 12.19
N LEU A 308 4.77 -6.93 11.59
CA LEU A 308 4.80 -6.68 10.15
C LEU A 308 5.91 -5.70 9.79
N LEU A 309 5.99 -4.60 10.52
CA LEU A 309 7.01 -3.58 10.26
C LEU A 309 8.44 -4.10 10.46
N LYS A 310 8.64 -4.99 11.43
CA LYS A 310 9.97 -5.54 11.66
C LYS A 310 10.36 -6.48 10.54
N MET A 311 9.38 -7.23 10.04
CA MET A 311 9.63 -8.15 8.94
C MET A 311 10.05 -7.36 7.70
N ILE A 312 9.30 -6.30 7.39
CA ILE A 312 9.59 -5.46 6.22
C ILE A 312 10.88 -4.68 6.41
N ASP A 313 11.14 -4.24 7.64
CA ASP A 313 12.34 -3.48 7.94
C ASP A 313 13.61 -4.32 7.70
N GLN A 314 13.56 -5.60 8.06
CA GLN A 314 14.73 -6.46 7.87
C GLN A 314 14.74 -7.16 6.51
N GLU A 315 13.62 -7.05 5.80
CA GLU A 315 13.50 -7.70 4.49
C GLU A 315 14.40 -7.03 3.45
N LEU A 316 15.12 -7.85 2.69
CA LEU A 316 15.99 -7.35 1.64
C LEU A 316 15.08 -6.74 0.57
N ASP A 317 15.38 -5.52 0.13
CA ASP A 317 14.56 -4.88 -0.89
C ASP A 317 15.21 -5.15 -2.25
N ILE A 318 14.70 -6.17 -2.93
CA ILE A 318 15.21 -6.57 -4.23
C ILE A 318 14.03 -7.16 -4.98
N PRO A 319 14.04 -7.08 -6.33
CA PRO A 319 12.91 -7.63 -7.08
C PRO A 319 12.71 -9.15 -6.96
N LEU A 320 11.52 -9.53 -6.52
CA LEU A 320 11.12 -10.92 -6.38
C LEU A 320 11.89 -11.77 -5.36
N PHE A 321 11.65 -13.08 -5.42
CA PHE A 321 12.27 -14.00 -4.48
C PHE A 321 12.10 -15.43 -4.95
N TYR A 322 12.68 -16.37 -4.21
CA TYR A 322 12.58 -17.78 -4.56
C TYR A 322 11.78 -18.49 -3.47
N ASP A 323 10.71 -19.15 -3.87
CA ASP A 323 9.86 -19.86 -2.93
C ASP A 323 10.35 -21.31 -2.85
N THR A 324 10.98 -21.66 -1.73
CA THR A 324 11.54 -23.00 -1.54
C THR A 324 10.54 -24.11 -1.78
N HIS A 325 9.30 -23.92 -1.32
CA HIS A 325 8.28 -24.94 -1.50
C HIS A 325 7.88 -25.09 -2.96
N ALA A 326 7.46 -24.00 -3.59
CA ALA A 326 7.03 -24.04 -4.99
C ALA A 326 8.14 -24.55 -5.92
N ILE A 327 9.36 -24.09 -5.71
CA ILE A 327 10.48 -24.51 -6.55
C ILE A 327 10.71 -26.01 -6.38
N GLY A 328 10.55 -26.49 -5.15
CA GLY A 328 10.72 -27.91 -4.90
C GLY A 328 9.72 -28.71 -5.74
N ARG A 329 8.48 -28.24 -5.79
CA ARG A 329 7.45 -28.93 -6.56
C ARG A 329 7.68 -28.82 -8.07
N ARG A 330 8.14 -27.66 -8.53
CA ARG A 330 8.39 -27.46 -9.95
C ARG A 330 9.55 -28.32 -10.45
N LEU A 331 10.65 -28.31 -9.71
CA LEU A 331 11.83 -29.09 -10.08
C LEU A 331 11.70 -30.57 -9.69
N LYS A 332 10.78 -30.87 -8.79
CA LYS A 332 10.58 -32.24 -8.32
C LYS A 332 11.80 -32.67 -7.50
N ILE A 333 12.17 -31.85 -6.53
CA ILE A 333 13.30 -32.16 -5.67
C ILE A 333 12.92 -31.93 -4.22
N GLU A 334 13.69 -32.51 -3.32
CA GLU A 334 13.47 -32.32 -1.89
C GLU A 334 14.31 -31.12 -1.50
N THR A 335 13.81 -30.32 -0.55
CA THR A 335 14.53 -29.13 -0.12
C THR A 335 14.77 -29.04 1.38
N LYS A 336 15.74 -28.22 1.76
CA LYS A 336 16.07 -28.00 3.17
C LYS A 336 15.07 -27.00 3.72
N LYS A 337 15.17 -26.70 5.01
CA LYS A 337 14.26 -25.75 5.63
C LYS A 337 14.70 -24.31 5.35
N VAL A 338 13.72 -23.39 5.37
CA VAL A 338 14.00 -21.98 5.10
C VAL A 338 15.12 -21.39 5.97
N GLU A 339 15.05 -21.61 7.28
CA GLU A 339 16.07 -21.09 8.17
C GLU A 339 17.45 -21.61 7.81
N GLU A 340 17.52 -22.88 7.45
CA GLU A 340 18.79 -23.50 7.08
C GLU A 340 19.36 -22.92 5.78
N ILE A 341 18.47 -22.67 4.83
CA ILE A 341 18.87 -22.11 3.54
C ILE A 341 19.40 -20.70 3.69
N ILE A 342 18.73 -19.88 4.48
CA ILE A 342 19.17 -18.51 4.68
C ILE A 342 20.55 -18.50 5.31
N SER A 343 20.74 -19.35 6.33
CA SER A 343 22.03 -19.43 7.00
C SER A 343 23.12 -19.85 6.02
N ALA A 344 22.80 -20.86 5.20
CA ALA A 344 23.76 -21.35 4.21
C ALA A 344 24.13 -20.28 3.19
N LEU A 345 23.14 -19.52 2.73
CA LEU A 345 23.39 -18.46 1.75
C LEU A 345 24.29 -17.37 2.32
N ARG A 346 24.00 -16.97 3.55
CA ARG A 346 24.78 -15.94 4.22
C ARG A 346 26.22 -16.42 4.43
N GLU A 347 26.39 -17.71 4.72
CA GLU A 347 27.72 -18.26 4.92
C GLU A 347 28.53 -18.22 3.63
N GLN A 348 27.83 -18.28 2.49
CA GLN A 348 28.49 -18.25 1.19
C GLN A 348 28.75 -16.81 0.75
N GLY A 349 28.39 -15.86 1.60
CA GLY A 349 28.61 -14.46 1.27
C GLY A 349 27.47 -13.72 0.56
N TYR A 350 26.27 -14.31 0.55
CA TYR A 350 25.13 -13.67 -0.09
C TYR A 350 24.14 -13.10 0.92
N GLU A 351 23.43 -12.06 0.50
CA GLU A 351 22.40 -11.46 1.35
C GLU A 351 21.19 -12.37 1.19
N ALA A 352 20.51 -12.66 2.29
CA ALA A 352 19.33 -13.51 2.24
C ALA A 352 18.45 -13.25 3.46
N THR A 353 17.16 -13.05 3.22
CA THR A 353 16.21 -12.80 4.30
C THR A 353 14.87 -13.44 3.97
N ARG A 354 14.01 -13.49 4.95
CA ARG A 354 12.66 -14.01 4.76
C ARG A 354 11.92 -12.84 4.16
N THR A 355 10.69 -13.06 3.68
CA THR A 355 9.90 -11.97 3.11
C THR A 355 8.45 -12.06 3.57
N HIS A 356 7.83 -10.91 3.78
CA HIS A 356 6.43 -10.86 4.21
C HIS A 356 5.48 -11.31 3.10
N PHE A 357 6.00 -11.41 1.87
CA PHE A 357 5.17 -11.81 0.74
C PHE A 357 4.76 -13.28 0.77
N SER A 358 5.58 -14.11 1.40
CA SER A 358 5.30 -15.55 1.49
C SER A 358 6.09 -16.16 2.64
N PRO A 359 5.48 -17.13 3.35
CA PRO A 359 6.15 -17.81 4.47
C PRO A 359 7.35 -18.66 4.08
N THR A 360 7.36 -19.15 2.85
CA THR A 360 8.47 -19.99 2.39
C THR A 360 9.33 -19.28 1.35
N GLY A 361 9.13 -17.97 1.20
CA GLY A 361 9.91 -17.22 0.25
C GLY A 361 11.21 -16.67 0.81
N ILE A 362 12.25 -16.63 -0.02
CA ILE A 362 13.53 -16.10 0.43
C ILE A 362 14.03 -15.08 -0.57
N LYS A 363 14.29 -13.87 -0.09
CA LYS A 363 14.83 -12.80 -0.90
C LYS A 363 16.33 -12.99 -0.82
N THR A 364 17.00 -12.98 -1.96
CA THR A 364 18.45 -13.16 -1.93
C THR A 364 19.14 -12.58 -3.15
N SER A 365 20.40 -12.18 -2.95
CA SER A 365 21.19 -11.63 -4.04
C SER A 365 21.77 -12.77 -4.87
N ALA A 366 21.72 -13.98 -4.33
CA ALA A 366 22.27 -15.15 -5.02
C ALA A 366 21.59 -15.49 -6.34
N PRO A 367 22.37 -15.99 -7.31
CA PRO A 367 21.83 -16.38 -8.61
C PRO A 367 20.93 -17.59 -8.40
N TYR A 368 19.96 -17.77 -9.29
CA TYR A 368 19.03 -18.91 -9.20
C TYR A 368 19.76 -20.25 -9.03
N GLU A 369 20.76 -20.51 -9.85
CA GLU A 369 21.50 -21.76 -9.78
C GLU A 369 22.17 -21.98 -8.43
N VAL A 370 22.67 -20.91 -7.83
CA VAL A 370 23.32 -21.04 -6.53
C VAL A 370 22.25 -21.36 -5.49
N PHE A 371 21.08 -20.75 -5.62
CA PHE A 371 19.99 -21.01 -4.69
C PHE A 371 19.58 -22.48 -4.73
N ILE A 372 19.41 -23.00 -5.94
CA ILE A 372 19.00 -24.39 -6.15
C ILE A 372 20.01 -25.37 -5.55
N GLU A 373 21.29 -25.11 -5.78
CA GLU A 373 22.32 -25.98 -5.24
C GLU A 373 22.29 -25.93 -3.72
N THR A 374 21.91 -24.78 -3.17
CA THR A 374 21.84 -24.62 -1.72
C THR A 374 20.61 -25.24 -1.08
N ILE A 375 19.47 -25.24 -1.77
CA ILE A 375 18.27 -25.81 -1.19
C ILE A 375 18.19 -27.33 -1.33
N LYS A 376 18.93 -27.88 -2.29
CA LYS A 376 18.95 -29.32 -2.52
C LYS A 376 19.19 -30.08 -1.22
N ARG A 377 18.18 -30.80 -0.76
CA ARG A 377 18.31 -31.56 0.49
C ARG A 377 18.81 -32.97 0.20
C1 GOL B . 10.89 -4.59 1.70
O1 GOL B . 12.20 -4.81 1.18
C2 GOL B . 9.84 -4.82 0.63
O2 GOL B . 9.92 -6.16 0.13
C3 GOL B . 8.45 -4.56 1.21
O3 GOL B . 7.45 -4.77 0.21
#